data_7KO0
#
_entry.id   7KO0
#
_cell.length_a   52.400
_cell.length_b   72.640
_cell.length_c   33.360
_cell.angle_alpha   90.000
_cell.angle_beta   90.000
_cell.angle_gamma   90.000
#
_symmetry.space_group_name_H-M   'P 21 21 2'
#
loop_
_entity.id
_entity.type
_entity.pdbx_description
1 polymer 'Bromodomain-containing protein 4'
2 non-polymer 4-[[4-[[3-(~{tert}-butylsulfonylamino)-4-chloranyl-phenyl]amino]-5-methyl-pyrimidin-2-yl]amino]-2-fluoranyl-~{N}-(1-methylpiperidin-4-yl)benzamide
3 non-polymer 1,2-ETHANEDIOL
4 water water
#
_entity_poly.entity_id   1
_entity_poly.type   'polypeptide(L)'
_entity_poly.pdbx_seq_one_letter_code
;KVSEQLKCCSGILKEMFAKKHAAYAWPFYKPVDVEALGLHDYCDIIKHPMDMSTIKSKLEAREYRDAQEFGADVRLMFSN
CYKYNPPDHEVVAMARKLQDVFEMRFAKMPDE
;
_entity_poly.pdbx_strand_id   A
#
# COMPACT_ATOMS: atom_id res chain seq x y z
N LYS A 1 21.62 -5.99 -7.58
CA LYS A 1 21.01 -4.76 -8.12
C LYS A 1 19.49 -4.84 -8.09
N VAL A 2 18.96 -5.89 -8.72
CA VAL A 2 17.56 -6.23 -8.49
C VAL A 2 17.35 -6.61 -7.04
N SER A 3 18.31 -7.35 -6.47
CA SER A 3 18.27 -7.62 -5.04
C SER A 3 18.34 -6.32 -4.24
N GLU A 4 19.15 -5.37 -4.70
CA GLU A 4 19.32 -4.11 -3.98
C GLU A 4 18.05 -3.27 -4.02
N GLN A 5 17.37 -3.22 -5.17
CA GLN A 5 16.09 -2.51 -5.21
C GLN A 5 15.04 -3.19 -4.34
N LEU A 6 15.07 -4.52 -4.24
CA LEU A 6 14.11 -5.21 -3.37
C LEU A 6 14.38 -4.93 -1.89
N LYS A 7 15.65 -4.72 -1.51
CA LYS A 7 15.94 -4.29 -0.15
C LYS A 7 15.40 -2.88 0.10
N CYS A 8 15.52 -2.00 -0.88
CA CYS A 8 14.90 -0.70 -0.76
C CYS A 8 13.39 -0.82 -0.55
N CYS A 9 12.74 -1.72 -1.28
CA CYS A 9 11.31 -1.94 -1.14
C CYS A 9 10.95 -2.41 0.26
N SER A 10 11.73 -3.36 0.80
CA SER A 10 11.49 -3.82 2.16
C SER A 10 11.64 -2.69 3.16
N GLY A 11 12.62 -1.80 2.95
CA GLY A 11 12.77 -0.66 3.85
C GLY A 11 11.62 0.32 3.75
N ILE A 12 11.14 0.56 2.53
CA ILE A 12 9.99 1.44 2.35
C ILE A 12 8.77 0.89 3.07
N LEU A 13 8.51 -0.40 2.89
CA LEU A 13 7.33 -0.98 3.53
C LEU A 13 7.47 -0.96 5.05
N LYS A 14 8.68 -1.19 5.55
CA LYS A 14 8.92 -1.10 6.98
C LYS A 14 8.60 0.29 7.51
N GLU A 15 8.98 1.34 6.78
CA GLU A 15 8.65 2.69 7.20
C GLU A 15 7.16 2.93 7.17
N MET A 16 6.47 2.44 6.13
CA MET A 16 5.02 2.61 6.06
C MET A 16 4.31 2.00 7.27
N PHE A 17 4.89 0.95 7.87
CA PHE A 17 4.39 0.33 9.09
C PHE A 17 4.87 1.01 10.37
N ALA A 18 5.77 1.98 10.30
CA ALA A 18 6.36 2.54 11.51
C ALA A 18 5.35 3.37 12.28
N LYS A 19 5.56 3.48 13.61
CA LYS A 19 4.61 4.22 14.44
C LYS A 19 4.51 5.69 14.02
N LYS A 20 5.60 6.25 13.49
CA LYS A 20 5.62 7.62 13.00
C LYS A 20 4.44 7.90 12.06
N HIS A 21 4.06 6.92 11.24
CA HIS A 21 3.01 7.11 10.24
C HIS A 21 1.68 6.46 10.62
N ALA A 22 1.56 5.90 11.83
CA ALA A 22 0.41 5.03 12.14
C ALA A 22 -0.90 5.79 12.13
N ALA A 23 -0.89 7.08 12.46
CA ALA A 23 -2.14 7.84 12.56
C ALA A 23 -2.91 7.82 11.25
N TYR A 24 -2.22 7.69 10.11
CA TYR A 24 -2.88 7.62 8.82
C TYR A 24 -2.63 6.32 8.08
N ALA A 25 -1.65 5.52 8.49
CA ALA A 25 -1.35 4.29 7.76
C ALA A 25 -2.25 3.13 8.16
N TRP A 26 -2.76 3.12 9.40
CA TRP A 26 -3.42 1.93 9.93
C TRP A 26 -4.59 1.38 9.11
N PRO A 27 -5.43 2.16 8.42
CA PRO A 27 -6.50 1.54 7.61
C PRO A 27 -5.96 0.69 6.47
N PHE A 28 -4.66 0.76 6.18
CA PHE A 28 -4.05 0.02 5.08
C PHE A 28 -3.22 -1.15 5.57
N TYR A 29 -3.18 -1.39 6.89
CA TYR A 29 -2.33 -2.44 7.44
C TYR A 29 -2.80 -3.83 7.01
N LYS A 30 -4.10 -4.06 7.01
CA LYS A 30 -4.66 -5.39 6.84
C LYS A 30 -5.70 -5.39 5.74
N PRO A 31 -6.05 -6.55 5.20
CA PRO A 31 -7.17 -6.61 4.25
C PRO A 31 -8.41 -5.97 4.83
N VAL A 32 -9.08 -5.15 4.00
CA VAL A 32 -10.33 -4.54 4.40
C VAL A 32 -11.31 -5.65 4.77
N ASP A 33 -11.83 -5.59 5.99
CA ASP A 33 -12.79 -6.58 6.48
C ASP A 33 -14.17 -6.12 6.06
N VAL A 34 -14.56 -6.47 4.84
CA VAL A 34 -15.76 -5.89 4.24
C VAL A 34 -17.00 -6.23 5.07
N GLU A 35 -17.02 -7.44 5.65
CA GLU A 35 -18.17 -7.85 6.43
C GLU A 35 -18.24 -7.10 7.76
N ALA A 36 -17.10 -6.91 8.42
CA ALA A 36 -17.10 -6.19 9.69
C ALA A 36 -17.42 -4.72 9.50
N LEU A 37 -16.99 -4.14 8.37
CA LEU A 37 -17.22 -2.72 8.12
C LEU A 37 -18.54 -2.44 7.42
N GLY A 38 -19.29 -3.48 7.04
CA GLY A 38 -20.56 -3.30 6.35
C GLY A 38 -20.43 -2.83 4.92
N LEU A 39 -19.29 -3.10 4.29
CA LEU A 39 -18.98 -2.60 2.94
C LEU A 39 -19.51 -3.58 1.90
N HIS A 40 -20.85 -3.67 1.82
CA HIS A 40 -21.46 -4.73 1.04
C HIS A 40 -21.29 -4.54 -0.47
N ASP A 41 -20.81 -3.39 -0.90
CA ASP A 41 -20.58 -3.14 -2.32
C ASP A 41 -19.11 -3.22 -2.67
N TYR A 42 -18.25 -3.51 -1.69
CA TYR A 42 -16.80 -3.38 -1.89
C TYR A 42 -16.31 -4.37 -2.93
N CYS A 43 -16.77 -5.62 -2.87
CA CYS A 43 -16.31 -6.62 -3.83
C CYS A 43 -16.93 -6.46 -5.21
N ASP A 44 -17.99 -5.66 -5.33
CA ASP A 44 -18.50 -5.32 -6.65
C ASP A 44 -17.65 -4.24 -7.32
N ILE A 45 -16.98 -3.42 -6.53
CA ILE A 45 -16.19 -2.31 -7.05
C ILE A 45 -14.72 -2.69 -7.20
N ILE A 46 -14.17 -3.40 -6.24
CA ILE A 46 -12.73 -3.66 -6.18
C ILE A 46 -12.50 -5.11 -6.57
N LYS A 47 -11.86 -5.32 -7.73
CA LYS A 47 -11.63 -6.65 -8.25
C LYS A 47 -10.38 -7.29 -7.64
N HIS A 48 -9.39 -6.49 -7.27
CA HIS A 48 -8.12 -6.99 -6.76
C HIS A 48 -7.76 -6.24 -5.49
N PRO A 49 -8.26 -6.69 -4.34
CA PRO A 49 -7.92 -6.05 -3.07
C PRO A 49 -6.43 -6.19 -2.78
N MET A 50 -5.90 -5.20 -2.06
CA MET A 50 -4.49 -5.22 -1.70
C MET A 50 -4.31 -4.39 -0.43
N ASP A 51 -3.34 -4.81 0.38
CA ASP A 51 -3.09 -4.19 1.68
C ASP A 51 -1.62 -4.40 2.03
N MET A 52 -1.17 -3.69 3.06
CA MET A 52 0.27 -3.70 3.36
C MET A 52 0.73 -5.05 3.89
N SER A 53 -0.15 -5.78 4.59
CA SER A 53 0.29 -7.07 5.13
C SER A 53 0.46 -8.10 4.03
N THR A 54 -0.42 -8.07 3.03
CA THR A 54 -0.27 -8.94 1.87
C THR A 54 1.00 -8.62 1.11
N ILE A 55 1.28 -7.33 0.90
CA ILE A 55 2.54 -6.94 0.25
C ILE A 55 3.73 -7.45 1.04
N LYS A 56 3.67 -7.35 2.38
CA LYS A 56 4.76 -7.88 3.20
C LYS A 56 4.95 -9.37 3.00
N SER A 57 3.84 -10.13 2.96
CA SER A 57 3.95 -11.57 2.74
C SER A 57 4.56 -11.89 1.38
N LYS A 58 4.16 -11.16 0.35
CA LYS A 58 4.66 -11.41 -0.99
C LYS A 58 6.14 -11.07 -1.11
N LEU A 59 6.59 -10.00 -0.42
CA LEU A 59 8.01 -9.69 -0.40
C LEU A 59 8.82 -10.82 0.23
N GLU A 60 8.32 -11.37 1.34
CA GLU A 60 9.04 -12.46 1.99
C GLU A 60 8.95 -13.75 1.17
N ALA A 61 7.88 -13.94 0.42
CA ALA A 61 7.77 -15.10 -0.45
C ALA A 61 8.52 -14.92 -1.78
N ARG A 62 9.18 -13.78 -1.99
CA ARG A 62 9.92 -13.50 -3.22
C ARG A 62 9.01 -13.52 -4.43
N GLU A 63 7.78 -13.02 -4.26
CA GLU A 63 6.84 -12.97 -5.37
C GLU A 63 7.07 -11.76 -6.27
N TYR A 64 7.76 -10.73 -5.77
CA TYR A 64 8.10 -9.58 -6.60
C TYR A 64 9.45 -9.83 -7.26
N ARG A 65 9.48 -9.78 -8.59
CA ARG A 65 10.73 -9.99 -9.31
C ARG A 65 11.62 -8.76 -9.24
N ASP A 66 11.03 -7.57 -9.12
CA ASP A 66 11.77 -6.32 -9.06
C ASP A 66 10.92 -5.29 -8.33
N ALA A 67 11.47 -4.09 -8.19
CA ALA A 67 10.78 -3.02 -7.48
C ALA A 67 9.52 -2.57 -8.20
N GLN A 68 9.48 -2.70 -9.52
CA GLN A 68 8.29 -2.26 -10.24
C GLN A 68 7.09 -3.14 -9.92
N GLU A 69 7.31 -4.45 -9.69
CA GLU A 69 6.19 -5.30 -9.30
C GLU A 69 5.71 -4.95 -7.89
N PHE A 70 6.65 -4.71 -6.98
CA PHE A 70 6.31 -4.23 -5.64
C PHE A 70 5.54 -2.92 -5.72
N GLY A 71 6.08 -1.96 -6.47
CA GLY A 71 5.42 -0.66 -6.59
C GLY A 71 4.03 -0.77 -7.13
N ALA A 72 3.80 -1.73 -8.04
CA ALA A 72 2.47 -1.89 -8.62
C ALA A 72 1.46 -2.32 -7.57
N ASP A 73 1.84 -3.22 -6.67
CA ASP A 73 0.90 -3.61 -5.61
C ASP A 73 0.64 -2.46 -4.63
N VAL A 74 1.65 -1.64 -4.35
CA VAL A 74 1.42 -0.49 -3.47
C VAL A 74 0.45 0.48 -4.14
N ARG A 75 0.69 0.79 -5.41
CA ARG A 75 -0.21 1.70 -6.13
C ARG A 75 -1.61 1.12 -6.27
N LEU A 76 -1.71 -0.20 -6.41
CA LEU A 76 -3.02 -0.85 -6.47
C LEU A 76 -3.78 -0.66 -5.16
N MET A 77 -3.08 -0.76 -4.03
CA MET A 77 -3.71 -0.51 -2.74
C MET A 77 -4.28 0.90 -2.67
N PHE A 78 -3.50 1.89 -3.05
CA PHE A 78 -3.98 3.27 -3.01
C PHE A 78 -5.09 3.49 -4.02
N SER A 79 -4.89 3.01 -5.26
CA SER A 79 -5.90 3.20 -6.31
C SER A 79 -7.22 2.57 -5.91
N ASN A 80 -7.17 1.41 -5.25
CA ASN A 80 -8.40 0.79 -4.72
C ASN A 80 -9.12 1.72 -3.76
N CYS A 81 -8.36 2.45 -2.93
CA CYS A 81 -8.98 3.37 -1.99
C CYS A 81 -9.63 4.54 -2.72
N TYR A 82 -8.92 5.13 -3.69
CA TYR A 82 -9.45 6.24 -4.47
C TYR A 82 -10.64 5.82 -5.32
N LYS A 83 -10.69 4.55 -5.74
CA LYS A 83 -11.80 4.09 -6.58
C LYS A 83 -13.05 3.85 -5.77
N TYR A 84 -12.91 3.24 -4.59
CA TYR A 84 -14.07 2.81 -3.82
C TYR A 84 -14.78 3.97 -3.14
N ASN A 85 -14.00 4.97 -2.61
CA ASN A 85 -14.55 5.97 -1.69
C ASN A 85 -14.80 7.30 -2.38
N PRO A 86 -15.77 8.08 -1.90
CA PRO A 86 -15.89 9.46 -2.35
C PRO A 86 -14.60 10.21 -2.09
N PRO A 87 -14.26 11.18 -2.96
CA PRO A 87 -12.94 11.84 -2.83
C PRO A 87 -12.79 12.65 -1.56
N ASP A 88 -13.87 13.06 -0.91
CA ASP A 88 -13.73 13.82 0.33
C ASP A 88 -13.72 12.93 1.57
N HIS A 89 -13.75 11.62 1.41
CA HIS A 89 -13.78 10.72 2.55
C HIS A 89 -12.48 10.78 3.33
N GLU A 90 -12.58 10.62 4.65
CA GLU A 90 -11.41 10.75 5.51
C GLU A 90 -10.35 9.70 5.17
N VAL A 91 -10.77 8.49 4.80
CA VAL A 91 -9.77 7.47 4.50
C VAL A 91 -9.01 7.78 3.21
N VAL A 92 -9.61 8.57 2.30
CA VAL A 92 -8.87 9.03 1.13
C VAL A 92 -7.80 10.03 1.53
N ALA A 93 -8.13 10.96 2.44
CA ALA A 93 -7.10 11.85 2.97
C ALA A 93 -5.97 11.07 3.62
N MET A 94 -6.30 9.99 4.34
CA MET A 94 -5.24 9.17 4.95
C MET A 94 -4.41 8.46 3.89
N ALA A 95 -5.05 7.89 2.86
CA ALA A 95 -4.32 7.29 1.74
C ALA A 95 -3.33 8.29 1.13
N ARG A 96 -3.77 9.53 0.92
CA ARG A 96 -2.91 10.52 0.29
C ARG A 96 -1.68 10.80 1.14
N LYS A 97 -1.85 10.87 2.46
CA LYS A 97 -0.71 11.09 3.33
C LYS A 97 0.24 9.91 3.29
N LEU A 98 -0.30 8.68 3.27
CA LEU A 98 0.59 7.53 3.21
C LEU A 98 1.24 7.41 1.84
N GLN A 99 0.50 7.70 0.76
CA GLN A 99 1.09 7.65 -0.56
C GLN A 99 2.20 8.69 -0.74
N ASP A 100 2.09 9.84 -0.07
N ASP A 100 2.09 9.84 -0.07
CA ASP A 100 3.20 10.79 -0.10
CA ASP A 100 3.18 10.81 -0.09
C ASP A 100 4.46 10.17 0.47
C ASP A 100 4.46 10.19 0.48
N VAL A 101 4.34 9.46 1.60
CA VAL A 101 5.49 8.82 2.22
C VAL A 101 6.12 7.82 1.25
N PHE A 102 5.29 6.97 0.67
CA PHE A 102 5.73 5.95 -0.27
C PHE A 102 6.39 6.58 -1.50
N GLU A 103 5.71 7.52 -2.16
CA GLU A 103 6.23 8.01 -3.44
C GLU A 103 7.56 8.74 -3.25
N MET A 104 7.68 9.53 -2.19
CA MET A 104 8.93 10.29 -2.00
C MET A 104 10.12 9.35 -1.84
N ARG A 105 9.92 8.24 -1.14
CA ARG A 105 11.04 7.33 -0.96
CA ARG A 105 11.02 7.30 -0.93
C ARG A 105 11.19 6.36 -2.12
N PHE A 106 10.09 5.89 -2.70
CA PHE A 106 10.18 5.06 -3.90
C PHE A 106 10.94 5.77 -5.02
N ALA A 107 10.84 7.11 -5.10
CA ALA A 107 11.55 7.85 -6.12
C ALA A 107 13.05 7.86 -5.91
N LYS A 108 13.53 7.47 -4.72
CA LYS A 108 14.96 7.42 -4.43
C LYS A 108 15.56 6.05 -4.68
N MET A 109 14.79 5.16 -5.29
CA MET A 109 15.28 3.85 -5.68
C MET A 109 16.59 3.98 -6.46
N PRO A 110 17.59 3.16 -6.18
CA PRO A 110 18.84 3.24 -6.94
C PRO A 110 18.65 2.77 -8.38
N ASP A 111 19.35 3.46 -9.29
CA ASP A 111 19.44 3.03 -10.69
C ASP A 111 20.45 1.90 -10.83
#